data_4I0O
#
_entry.id   4I0O
#
_cell.length_a   52.598
_cell.length_b   78.117
_cell.length_c   58.849
_cell.angle_alpha   90.00
_cell.angle_beta   106.59
_cell.angle_gamma   90.00
#
_symmetry.space_group_name_H-M   'P 1 21 1'
#
loop_
_entity.id
_entity.type
_entity.pdbx_description
1 polymer 'Protein ELYS'
2 water water
#
_entity_poly.entity_id   1
_entity_poly.type   'polypeptide(L)'
_entity_poly.pdbx_seq_one_letter_code
;PGS(MSE)QDLTAQVTSDLLHFPEVTIEALGEDEITLESVLRGKFAAGKNGLACLACGPQLEVVNSLTGERLSAYRFSGV
NEQPPVVLAVKEFSWHKRTGLLIGLEEADGSVLCLYDLGISRVVKAVVLPGRVTAIEPIINHGGASASTQHLHPSLRWLF
GVAAVVTDVGQILLIDLCLDDLSCSQNEVEASDLEVITGIPAEVPHIRERV(MSE)REGRHLCFQLVSPLGVAISTLSYI
NRTNQLAVGFSDGYLALWN(MSE)KS(MSE)KREYYTQLEGGRVPVHAVAFQEPENDPRNCCYLWAVQSTQDSEGDVLSL
HLLQLAFGDRKCLASGQILYEGLEYCEERYTLDLAGGTFPLRGQTSNTKLLGCQSIERFPSHGDREES(MSE)REALSPD
TSVSVFTWQVNIYGQGKPSVYLGLFDINRWYHAQ(MSE)PDSLRSGESLHNCSYFALWSLDSVVSRTSPHHILDILVHER
SLNRGVPPSYPPPEQFFNPSTFNFDATCLLDSGVIHVTCAG
;
_entity_poly.pdbx_strand_id   A
#
# COMPACT_ATOMS: atom_id res chain seq x y z
N ASP A 6 6.13 -29.57 3.12
CA ASP A 6 7.12 -28.53 3.37
C ASP A 6 7.54 -27.76 2.11
N LEU A 7 6.60 -26.96 1.61
CA LEU A 7 6.79 -26.17 0.41
C LEU A 7 7.95 -25.22 0.61
N THR A 8 8.94 -25.28 -0.28
CA THR A 8 10.09 -24.39 -0.19
C THR A 8 10.32 -23.72 -1.53
N ALA A 9 10.51 -22.42 -1.49
CA ALA A 9 10.75 -21.67 -2.71
C ALA A 9 12.11 -22.08 -3.21
N GLN A 10 12.26 -22.05 -4.52
CA GLN A 10 13.55 -22.29 -5.14
C GLN A 10 13.97 -21.03 -5.91
N VAL A 11 15.26 -20.75 -5.84
CA VAL A 11 15.83 -19.58 -6.45
C VAL A 11 16.08 -19.88 -7.92
N THR A 12 15.69 -18.97 -8.80
CA THR A 12 15.72 -19.21 -10.24
C THR A 12 16.67 -18.26 -10.97
N SER A 13 17.18 -17.25 -10.27
CA SER A 13 18.22 -16.40 -10.86
C SER A 13 19.39 -16.19 -9.92
N ASP A 14 20.47 -15.61 -10.42
CA ASP A 14 21.48 -15.06 -9.54
C ASP A 14 20.91 -13.81 -8.91
N LEU A 15 21.61 -13.28 -7.92
CA LEU A 15 21.27 -11.99 -7.39
C LEU A 15 21.67 -11.01 -8.49
N LEU A 16 20.70 -10.24 -8.96
CA LEU A 16 20.93 -9.25 -9.99
C LEU A 16 21.13 -7.92 -9.29
N HIS A 17 22.39 -7.48 -9.13
CA HIS A 17 22.70 -6.29 -8.35
C HIS A 17 22.25 -4.98 -8.98
N PHE A 18 21.79 -4.04 -8.16
CA PHE A 18 21.65 -2.66 -8.60
C PHE A 18 23.05 -2.21 -9.07
N PRO A 19 23.13 -1.18 -9.95
CA PRO A 19 24.46 -0.71 -10.31
C PRO A 19 25.15 -0.05 -9.12
N GLU A 20 26.48 -0.04 -9.14
CA GLU A 20 27.28 0.60 -8.09
C GLU A 20 26.82 2.01 -7.72
N VAL A 21 26.47 2.81 -8.71
CA VAL A 21 26.08 4.19 -8.49
C VAL A 21 24.82 4.24 -7.60
N THR A 22 23.92 3.27 -7.79
CA THR A 22 22.76 3.12 -6.93
C THR A 22 23.12 2.69 -5.50
N ILE A 23 23.89 1.63 -5.39
CA ILE A 23 24.42 1.21 -4.09
C ILE A 23 25.16 2.34 -3.38
N GLU A 24 26.09 3.01 -4.08
CA GLU A 24 26.82 4.08 -3.42
C GLU A 24 25.87 5.21 -2.96
N ALA A 25 24.90 5.57 -3.79
CA ALA A 25 24.03 6.71 -3.49
C ALA A 25 23.20 6.47 -2.24
N LEU A 26 22.61 5.28 -2.15
CA LEU A 26 21.88 4.86 -0.95
C LEU A 26 22.78 4.78 0.32
N GLY A 27 24.04 4.36 0.17
CA GLY A 27 24.93 4.21 1.31
C GLY A 27 25.39 5.52 1.92
N GLU A 28 25.07 6.61 1.24
CA GLU A 28 25.12 7.91 1.92
C GLU A 28 23.87 7.97 2.81
N ASP A 29 23.72 6.92 3.62
CA ASP A 29 22.66 6.70 4.59
C ASP A 29 23.22 7.09 5.94
N GLU A 30 24.53 7.13 6.01
CA GLU A 30 25.22 7.30 7.27
C GLU A 30 25.69 8.74 7.51
N ILE A 31 25.30 9.64 6.62
CA ILE A 31 25.41 11.08 6.90
C ILE A 31 24.06 11.62 7.34
N THR A 32 23.06 11.52 6.47
CA THR A 32 21.68 11.87 6.81
C THR A 32 21.10 10.81 7.74
N LEU A 33 21.96 10.37 8.66
CA LEU A 33 21.80 9.20 9.51
C LEU A 33 20.93 9.58 10.72
N GLU A 34 20.23 8.61 11.32
CA GLU A 34 20.46 7.18 11.12
C GLU A 34 19.51 6.52 10.13
N SER A 35 19.66 6.86 8.84
CA SER A 35 18.65 6.55 7.82
C SER A 35 18.51 5.08 7.56
N VAL A 36 17.28 4.61 7.57
CA VAL A 36 16.96 3.25 7.22
C VAL A 36 16.72 3.21 5.72
N LEU A 37 17.31 2.22 5.06
CA LEU A 37 17.02 1.97 3.66
C LEU A 37 15.69 1.24 3.60
N ARG A 38 14.78 1.72 2.78
CA ARG A 38 13.46 1.13 2.64
C ARG A 38 13.32 0.89 1.16
N GLY A 39 12.48 -0.08 0.78
CA GLY A 39 12.29 -0.36 -0.64
C GLY A 39 10.96 -1.04 -0.77
N LYS A 40 10.23 -0.73 -1.85
CA LYS A 40 8.93 -1.38 -2.17
C LYS A 40 8.79 -1.57 -3.67
N PHE A 41 8.15 -2.66 -4.10
CA PHE A 41 7.67 -2.71 -5.48
C PHE A 41 6.52 -1.72 -5.63
N ALA A 42 6.49 -0.96 -6.71
CA ALA A 42 5.35 -0.09 -6.99
C ALA A 42 4.14 -0.91 -7.38
N ALA A 43 2.96 -0.39 -7.09
CA ALA A 43 1.71 -1.12 -7.27
C ALA A 43 1.21 -1.10 -8.71
N GLY A 44 1.71 -0.17 -9.52
CA GLY A 44 1.17 -0.01 -10.87
C GLY A 44 1.58 -1.05 -11.89
N LYS A 45 1.57 -0.62 -13.15
CA LYS A 45 1.85 -1.56 -14.23
C LYS A 45 3.13 -1.20 -15.00
N ASN A 46 4.05 -0.52 -14.32
CA ASN A 46 5.31 -0.13 -14.97
C ASN A 46 6.53 -0.95 -14.57
N GLY A 47 6.35 -2.01 -13.77
CA GLY A 47 7.48 -2.84 -13.34
C GLY A 47 8.57 -2.11 -12.56
N LEU A 48 8.18 -1.18 -11.69
CA LEU A 48 9.16 -0.41 -10.90
C LEU A 48 9.29 -0.93 -9.46
N ALA A 49 10.47 -0.76 -8.88
CA ALA A 49 10.66 -0.87 -7.45
C ALA A 49 11.35 0.43 -7.04
N CYS A 50 11.04 0.93 -5.85
CA CYS A 50 11.62 2.18 -5.37
C CYS A 50 12.35 1.92 -4.09
N LEU A 51 13.51 2.53 -3.96
CA LEU A 51 14.29 2.47 -2.74
C LEU A 51 14.53 3.89 -2.27
N ALA A 52 14.45 4.08 -0.97
CA ALA A 52 14.67 5.38 -0.41
C ALA A 52 15.50 5.29 0.85
N CYS A 53 16.47 6.20 0.95
CA CYS A 53 17.25 6.29 2.15
C CYS A 53 17.56 7.76 2.37
N GLY A 54 17.03 8.32 3.46
CA GLY A 54 17.18 9.74 3.70
C GLY A 54 16.55 10.50 2.54
N PRO A 55 17.29 11.44 1.95
CA PRO A 55 16.64 12.21 0.89
C PRO A 55 16.79 11.55 -0.47
N GLN A 56 17.38 10.36 -0.53
CA GLN A 56 17.71 9.79 -1.83
C GLN A 56 16.63 8.80 -2.30
N LEU A 57 16.16 8.98 -3.52
CA LEU A 57 15.22 8.05 -4.12
C LEU A 57 15.89 7.40 -5.33
N GLU A 58 15.81 6.07 -5.42
CA GLU A 58 16.30 5.33 -6.59
C GLU A 58 15.13 4.52 -7.11
N VAL A 59 14.84 4.63 -8.41
CA VAL A 59 13.80 3.83 -9.03
C VAL A 59 14.46 2.79 -9.93
N VAL A 60 14.20 1.51 -9.69
CA VAL A 60 14.87 0.48 -10.46
C VAL A 60 13.89 -0.46 -11.15
N ASN A 61 14.41 -1.17 -12.15
CA ASN A 61 13.63 -2.15 -12.91
C ASN A 61 13.46 -3.36 -12.02
N SER A 62 12.22 -3.71 -11.75
CA SER A 62 11.89 -4.76 -10.80
C SER A 62 12.42 -6.14 -11.20
N LEU A 63 12.69 -6.36 -12.49
CA LEU A 63 13.15 -7.67 -12.91
C LEU A 63 14.65 -7.77 -13.20
N THR A 64 15.31 -6.63 -13.43
CA THR A 64 16.73 -6.68 -13.79
C THR A 64 17.62 -5.96 -12.79
N GLY A 65 17.01 -5.11 -11.99
CA GLY A 65 17.74 -4.28 -11.07
C GLY A 65 18.34 -3.04 -11.70
N GLU A 66 18.12 -2.81 -13.00
CA GLU A 66 18.67 -1.61 -13.62
C GLU A 66 18.12 -0.31 -13.03
N ARG A 67 18.97 0.70 -12.96
CA ARG A 67 18.55 2.00 -12.46
C ARG A 67 17.68 2.68 -13.52
N LEU A 68 16.49 3.11 -13.16
CA LEU A 68 15.61 3.78 -14.13
C LEU A 68 15.57 5.26 -13.91
N SER A 69 15.67 5.67 -12.64
CA SER A 69 15.54 7.07 -12.30
C SER A 69 16.06 7.28 -10.88
N ALA A 70 16.59 8.46 -10.61
CA ALA A 70 17.13 8.77 -9.29
C ALA A 70 17.02 10.24 -9.03
N TYR A 71 16.83 10.61 -7.77
CA TYR A 71 16.65 11.99 -7.40
C TYR A 71 17.04 12.18 -5.94
N ARG A 72 17.75 13.27 -5.65
CA ARG A 72 18.06 13.60 -4.28
C ARG A 72 17.27 14.86 -3.94
N PHE A 73 16.31 14.69 -3.05
CA PHE A 73 15.44 15.80 -2.70
C PHE A 73 16.17 16.79 -1.84
N SER A 74 15.78 18.05 -1.99
CA SER A 74 16.36 19.14 -1.22
C SER A 74 15.31 19.68 -0.26
N GLY A 75 15.77 20.26 0.83
CA GLY A 75 14.88 20.81 1.83
C GLY A 75 14.63 22.28 1.60
N VAL A 76 13.36 22.65 1.58
CA VAL A 76 12.94 24.05 1.52
C VAL A 76 13.59 24.87 2.63
N ASN A 77 13.90 24.21 3.74
CA ASN A 77 14.51 24.88 4.88
C ASN A 77 15.96 24.48 5.13
N GLU A 78 16.73 24.33 4.05
CA GLU A 78 18.14 23.94 4.13
C GLU A 78 18.48 22.90 5.20
N GLN A 79 17.91 21.71 5.02
CA GLN A 79 18.15 20.54 5.85
C GLN A 79 17.47 19.40 5.12
N PRO A 80 18.17 18.27 4.94
CA PRO A 80 17.63 17.25 4.02
C PRO A 80 16.32 16.64 4.49
N PRO A 81 15.37 16.51 3.57
CA PRO A 81 14.15 15.81 3.94
C PRO A 81 14.37 14.30 3.90
N VAL A 82 13.37 13.57 4.34
CA VAL A 82 13.37 12.14 4.29
C VAL A 82 12.26 11.71 3.36
N VAL A 83 12.59 10.87 2.40
CA VAL A 83 11.55 10.34 1.57
C VAL A 83 10.80 9.31 2.40
N LEU A 84 9.55 9.61 2.75
CA LEU A 84 8.81 8.71 3.63
CA LEU A 84 8.76 8.75 3.64
C LEU A 84 7.81 7.82 2.89
N ALA A 85 7.11 8.35 1.91
CA ALA A 85 6.06 7.60 1.23
C ALA A 85 6.19 7.77 -0.29
N VAL A 86 6.02 6.66 -1.01
CA VAL A 86 6.08 6.66 -2.47
C VAL A 86 4.91 5.86 -3.04
N LYS A 87 4.16 6.45 -3.96
CA LYS A 87 3.10 5.72 -4.65
C LYS A 87 3.17 5.95 -6.15
N GLU A 88 2.97 4.90 -6.92
CA GLU A 88 2.84 5.09 -8.37
C GLU A 88 1.65 5.96 -8.76
N PHE A 89 1.79 6.76 -9.80
CA PHE A 89 0.74 7.70 -10.20
C PHE A 89 0.94 8.09 -11.66
N SER A 90 0.01 7.74 -12.51
CA SER A 90 0.07 8.12 -13.90
C SER A 90 -1.07 9.08 -14.23
N TRP A 91 -0.80 10.08 -15.06
CA TRP A 91 -1.80 11.08 -15.39
C TRP A 91 -1.48 11.55 -16.78
N HIS A 92 -2.50 12.00 -17.51
CA HIS A 92 -2.36 12.40 -18.89
C HIS A 92 -1.57 11.29 -19.56
N LYS A 93 -0.52 11.62 -20.29
CA LYS A 93 0.27 10.53 -20.82
C LYS A 93 1.62 10.45 -20.14
N ARG A 94 1.63 10.76 -18.85
CA ARG A 94 2.85 10.74 -18.09
C ARG A 94 2.84 9.65 -17.04
N THR A 95 4.01 9.17 -16.68
CA THR A 95 4.15 8.18 -15.63
C THR A 95 4.96 8.79 -14.50
N GLY A 96 4.47 8.66 -13.28
CA GLY A 96 5.12 9.31 -12.16
C GLY A 96 5.04 8.62 -10.81
N LEU A 97 5.45 9.37 -9.79
CA LEU A 97 5.34 8.91 -8.41
C LEU A 97 4.85 10.08 -7.59
N LEU A 98 3.97 9.79 -6.64
CA LEU A 98 3.63 10.75 -5.61
C LEU A 98 4.55 10.46 -4.44
N ILE A 99 5.09 11.51 -3.85
CA ILE A 99 6.10 11.34 -2.83
C ILE A 99 5.76 12.17 -1.65
N GLY A 100 5.77 11.57 -0.47
CA GLY A 100 5.68 12.33 0.77
C GLY A 100 7.07 12.53 1.38
N LEU A 101 7.45 13.80 1.62
CA LEU A 101 8.75 14.13 2.21
C LEU A 101 8.50 14.63 3.59
N GLU A 102 9.18 14.02 4.56
CA GLU A 102 9.17 14.53 5.91
C GLU A 102 10.28 15.55 6.02
N GLU A 103 9.95 16.75 6.50
CA GLU A 103 10.93 17.82 6.59
C GLU A 103 11.04 18.22 8.05
N ALA A 104 12.08 18.98 8.39
CA ALA A 104 12.28 19.41 9.77
C ALA A 104 11.06 20.17 10.30
N ASP A 105 10.51 21.07 9.48
CA ASP A 105 9.30 21.80 9.84
C ASP A 105 8.05 20.93 9.79
N GLY A 106 7.69 20.48 8.59
CA GLY A 106 6.49 19.71 8.42
C GLY A 106 6.69 18.67 7.33
N SER A 107 5.99 18.84 6.21
CA SER A 107 6.04 17.86 5.14
C SER A 107 5.74 18.48 3.80
N VAL A 108 6.08 17.74 2.75
CA VAL A 108 5.79 18.14 1.38
C VAL A 108 5.27 16.93 0.64
N LEU A 109 4.23 17.15 -0.18
CA LEU A 109 3.74 16.17 -1.14
C LEU A 109 4.22 16.57 -2.52
N CYS A 110 4.90 15.64 -3.22
CA CYS A 110 5.49 15.94 -4.53
C CYS A 110 4.89 15.05 -5.58
N LEU A 111 4.83 15.57 -6.80
CA LEU A 111 4.56 14.73 -7.94
C LEU A 111 5.84 14.70 -8.75
N TYR A 112 6.39 13.49 -8.88
CA TYR A 112 7.67 13.26 -9.53
C TYR A 112 7.44 12.59 -10.88
N ASP A 113 7.92 13.22 -11.95
CA ASP A 113 7.75 12.70 -13.32
C ASP A 113 8.92 11.76 -13.74
N LEU A 114 8.63 10.48 -13.92
CA LEU A 114 9.65 9.51 -14.31
C LEU A 114 10.22 9.74 -15.71
N GLY A 115 9.46 10.41 -16.57
CA GLY A 115 9.89 10.68 -17.93
C GLY A 115 11.07 11.62 -18.02
N ILE A 116 11.16 12.54 -17.06
CA ILE A 116 12.20 13.57 -17.07
C ILE A 116 12.96 13.58 -15.75
N SER A 117 12.65 12.63 -14.87
CA SER A 117 13.27 12.56 -13.54
C SER A 117 13.34 13.91 -12.79
N ARG A 118 12.20 14.60 -12.69
CA ARG A 118 12.08 15.91 -12.04
C ARG A 118 10.79 15.97 -11.25
N VAL A 119 10.75 16.78 -10.19
CA VAL A 119 9.52 17.11 -9.49
C VAL A 119 8.78 18.17 -10.31
N VAL A 120 7.49 17.98 -10.55
CA VAL A 120 6.73 18.88 -11.41
C VAL A 120 5.63 19.65 -10.67
N LYS A 121 5.21 19.12 -9.52
CA LYS A 121 4.29 19.82 -8.63
C LYS A 121 4.68 19.52 -7.19
N ALA A 122 4.45 20.47 -6.29
CA ALA A 122 4.71 20.21 -4.86
C ALA A 122 3.86 21.11 -3.99
N VAL A 123 3.46 20.61 -2.84
CA VAL A 123 2.70 21.41 -1.89
C VAL A 123 3.21 21.17 -0.48
N VAL A 124 3.17 22.23 0.33
CA VAL A 124 3.50 22.15 1.75
C VAL A 124 2.31 21.63 2.52
N LEU A 125 2.55 20.61 3.34
CA LEU A 125 1.54 19.99 4.18
C LEU A 125 1.60 20.60 5.57
N PRO A 126 0.44 20.80 6.17
CA PRO A 126 0.31 21.37 7.52
C PRO A 126 0.40 20.26 8.58
N GLY A 127 1.46 19.47 8.53
CA GLY A 127 1.69 18.41 9.52
C GLY A 127 2.79 17.48 9.05
N ARG A 128 3.07 16.43 9.82
CA ARG A 128 4.06 15.44 9.42
C ARG A 128 3.38 14.24 8.77
N VAL A 129 3.60 14.07 7.47
CA VAL A 129 2.95 13.00 6.70
C VAL A 129 3.35 11.60 7.17
N THR A 130 2.39 10.69 7.22
CA THR A 130 2.68 9.31 7.54
C THR A 130 2.33 8.39 6.38
N ALA A 131 1.42 8.84 5.51
CA ALA A 131 1.06 8.03 4.34
C ALA A 131 0.34 8.85 3.32
N ILE A 132 0.39 8.39 2.06
CA ILE A 132 -0.29 9.11 0.98
C ILE A 132 -0.95 8.04 0.09
N GLU A 133 -1.96 8.46 -0.70
CA GLU A 133 -2.71 7.56 -1.57
C GLU A 133 -3.42 8.37 -2.65
N PRO A 134 -3.12 8.07 -3.92
CA PRO A 134 -3.93 8.71 -4.95
C PRO A 134 -5.40 8.23 -4.90
N ILE A 135 -6.33 9.15 -5.16
CA ILE A 135 -7.73 8.75 -5.27
C ILE A 135 -8.13 8.68 -6.75
N ILE A 136 -7.73 9.68 -7.52
CA ILE A 136 -8.04 9.69 -8.95
C ILE A 136 -7.05 10.58 -9.72
N ASN A 137 -6.80 10.23 -10.97
CA ASN A 137 -5.75 10.90 -11.74
C ASN A 137 -6.24 11.91 -12.79
N HIS A 138 -7.51 12.32 -12.73
CA HIS A 138 -8.03 13.32 -13.68
C HIS A 138 -9.31 13.92 -13.12
N GLY A 139 -9.73 15.02 -13.70
CA GLY A 139 -10.97 15.68 -13.30
C GLY A 139 -11.77 15.87 -14.57
N GLY A 140 -12.60 16.91 -14.61
CA GLY A 140 -13.47 17.16 -15.75
C GLY A 140 -14.78 16.41 -15.58
N ALA A 141 -15.77 16.76 -16.39
CA ALA A 141 -17.03 16.00 -16.32
C ALA A 141 -16.87 14.78 -17.21
N SER A 142 -16.86 13.62 -16.58
CA SER A 142 -16.75 12.37 -17.32
C SER A 142 -17.30 11.26 -16.48
N ALA A 143 -17.87 10.27 -17.14
CA ALA A 143 -18.41 9.09 -16.46
C ALA A 143 -17.43 8.50 -15.46
N SER A 144 -16.15 8.61 -15.78
CA SER A 144 -15.10 8.05 -14.94
C SER A 144 -14.94 8.73 -13.57
N THR A 145 -15.59 9.87 -13.30
CA THR A 145 -15.43 10.47 -11.96
C THR A 145 -16.73 10.54 -11.18
N GLN A 146 -17.78 9.94 -11.73
CA GLN A 146 -19.13 10.03 -11.19
C GLN A 146 -19.31 9.34 -9.85
N HIS A 147 -18.37 8.47 -9.51
CA HIS A 147 -18.43 7.79 -8.23
C HIS A 147 -17.95 8.68 -7.09
N LEU A 148 -17.37 9.83 -7.39
CA LEU A 148 -16.83 10.69 -6.34
C LEU A 148 -17.80 11.82 -5.99
N HIS A 149 -17.73 12.26 -4.74
CA HIS A 149 -18.51 13.37 -4.24
C HIS A 149 -18.39 14.57 -5.22
N PRO A 150 -19.51 15.25 -5.50
CA PRO A 150 -19.48 16.38 -6.46
C PRO A 150 -18.33 17.37 -6.21
N SER A 151 -18.02 17.64 -4.94
CA SER A 151 -16.96 18.59 -4.61
C SER A 151 -15.57 18.15 -5.07
N LEU A 152 -15.31 16.84 -5.00
CA LEU A 152 -14.05 16.28 -5.52
C LEU A 152 -14.00 16.30 -7.05
N ARG A 153 -15.17 16.20 -7.69
CA ARG A 153 -15.20 16.17 -9.15
C ARG A 153 -14.76 17.49 -9.75
N TRP A 154 -14.84 18.57 -8.98
CA TRP A 154 -14.42 19.88 -9.49
C TRP A 154 -12.90 20.00 -9.42
N LEU A 155 -12.25 19.10 -8.71
CA LEU A 155 -10.80 19.09 -8.60
C LEU A 155 -10.21 18.36 -9.82
N PHE A 156 -8.90 18.47 -10.01
CA PHE A 156 -8.23 17.82 -11.13
C PHE A 156 -7.11 16.96 -10.60
N GLY A 157 -7.43 15.70 -10.33
CA GLY A 157 -6.55 14.78 -9.66
C GLY A 157 -6.64 15.06 -8.18
N VAL A 158 -6.72 13.99 -7.40
CA VAL A 158 -6.92 14.08 -5.94
C VAL A 158 -6.00 13.04 -5.25
N ALA A 159 -5.24 13.51 -4.29
CA ALA A 159 -4.43 12.62 -3.44
C ALA A 159 -4.86 12.81 -2.01
N ALA A 160 -5.01 11.69 -1.34
CA ALA A 160 -5.25 11.69 0.08
C ALA A 160 -3.89 11.68 0.78
N VAL A 161 -3.81 12.46 1.86
CA VAL A 161 -2.61 12.51 2.67
C VAL A 161 -2.99 12.46 4.16
N VAL A 162 -2.28 11.63 4.93
CA VAL A 162 -2.57 11.52 6.35
C VAL A 162 -1.35 11.83 7.22
N THR A 163 -1.59 12.22 8.48
CA THR A 163 -0.46 12.71 9.28
C THR A 163 -0.39 12.01 10.64
N ASP A 164 0.68 12.33 11.38
CA ASP A 164 0.89 11.75 12.70
C ASP A 164 0.02 12.34 13.79
N VAL A 165 -0.81 13.33 13.48
CA VAL A 165 -1.86 13.70 14.43
C VAL A 165 -3.28 13.30 14.00
N GLY A 166 -3.42 12.57 12.89
CA GLY A 166 -4.70 12.06 12.45
C GLY A 166 -5.45 12.95 11.44
N GLN A 167 -4.77 13.93 10.87
CA GLN A 167 -5.38 14.69 9.77
C GLN A 167 -5.58 13.82 8.55
N ILE A 168 -6.76 13.95 7.94
CA ILE A 168 -7.00 13.33 6.65
C ILE A 168 -7.24 14.47 5.62
N LEU A 169 -6.34 14.59 4.66
CA LEU A 169 -6.37 15.69 3.73
C LEU A 169 -6.65 15.17 2.32
N LEU A 170 -7.56 15.82 1.61
CA LEU A 170 -7.81 15.47 0.22
C LEU A 170 -7.35 16.67 -0.57
N ILE A 171 -6.31 16.45 -1.36
CA ILE A 171 -5.60 17.54 -1.99
C ILE A 171 -5.78 17.53 -3.52
N ASP A 172 -6.14 18.68 -4.06
CA ASP A 172 -6.28 18.88 -5.50
C ASP A 172 -4.89 18.89 -6.09
N LEU A 173 -4.62 18.03 -7.05
CA LEU A 173 -3.30 17.98 -7.66
C LEU A 173 -3.13 19.03 -8.77
N CYS A 174 -4.23 19.74 -9.07
CA CYS A 174 -4.22 20.81 -10.07
C CYS A 174 -3.57 20.38 -11.39
N LEU A 175 -3.87 19.17 -11.81
CA LEU A 175 -3.30 18.63 -13.04
C LEU A 175 -3.82 19.34 -14.28
N ASP A 176 -4.82 20.21 -14.11
CA ASP A 176 -5.31 21.05 -15.22
C ASP A 176 -4.37 22.24 -15.45
N ASP A 177 -3.47 22.49 -14.52
CA ASP A 177 -2.56 23.63 -14.64
C ASP A 177 -1.22 23.16 -15.20
N LEU A 178 -1.01 23.47 -16.47
CA LEU A 178 0.15 23.00 -17.19
C LEU A 178 1.18 24.08 -17.30
N SER A 179 0.89 25.25 -16.75
CA SER A 179 1.86 26.34 -16.76
C SER A 179 2.76 26.30 -15.52
N CYS A 180 2.34 25.52 -14.52
CA CYS A 180 3.05 25.43 -13.25
C CYS A 180 3.91 24.17 -13.14
N SER A 181 5.23 24.38 -13.22
CA SER A 181 6.25 23.35 -13.01
C SER A 181 7.12 23.80 -11.84
N GLN A 182 6.86 23.21 -10.66
CA GLN A 182 7.59 23.56 -9.45
C GLN A 182 8.26 22.33 -8.82
N ASN A 183 9.48 22.50 -8.32
CA ASN A 183 10.12 21.44 -7.55
C ASN A 183 9.79 21.50 -6.06
N GLU A 184 10.33 20.56 -5.29
CA GLU A 184 9.99 20.41 -3.87
C GLU A 184 10.40 21.64 -3.06
N VAL A 185 11.35 22.40 -3.57
CA VAL A 185 11.84 23.58 -2.85
C VAL A 185 10.87 24.76 -3.03
N GLU A 186 10.17 24.77 -4.17
CA GLU A 186 9.23 25.83 -4.49
C GLU A 186 7.78 25.43 -4.21
N ALA A 187 7.58 24.57 -3.21
CA ALA A 187 6.26 24.00 -2.94
C ALA A 187 5.25 25.11 -2.67
N SER A 188 4.03 24.91 -3.17
CA SER A 188 2.93 25.83 -2.97
C SER A 188 2.21 25.56 -1.65
N ASP A 189 1.62 26.60 -1.09
CA ASP A 189 0.78 26.42 0.09
C ASP A 189 -0.58 25.83 -0.27
N LEU A 190 -1.19 25.26 0.75
CA LEU A 190 -2.55 24.76 0.64
C LEU A 190 -3.52 25.79 1.17
N GLU A 191 -4.74 25.74 0.67
CA GLU A 191 -5.83 26.44 1.26
C GLU A 191 -6.69 25.32 1.77
N VAL A 192 -6.71 25.14 3.09
CA VAL A 192 -7.42 24.05 3.71
C VAL A 192 -8.81 24.48 4.15
N ILE A 193 -9.83 23.80 3.65
CA ILE A 193 -11.19 24.07 4.07
C ILE A 193 -11.55 22.89 4.95
N THR A 194 -12.13 23.17 6.12
CA THR A 194 -12.54 22.10 7.01
C THR A 194 -13.87 21.48 6.51
N GLY A 195 -13.86 20.17 6.29
CA GLY A 195 -14.99 19.44 5.73
C GLY A 195 -15.10 19.59 4.22
N ILE A 196 -16.32 19.52 3.70
CA ILE A 196 -16.55 19.43 2.26
C ILE A 196 -17.55 20.50 1.86
N PRO A 197 -17.08 21.57 1.22
CA PRO A 197 -17.96 22.69 0.91
C PRO A 197 -18.77 22.49 -0.37
N ALA A 198 -19.71 23.39 -0.60
CA ALA A 198 -20.31 23.59 -1.91
C ALA A 198 -19.64 24.80 -2.56
N GLU A 199 -20.07 25.16 -3.76
CA GLU A 199 -19.49 26.28 -4.51
C GLU A 199 -17.97 26.17 -4.72
N VAL A 200 -17.50 24.93 -4.86
CA VAL A 200 -16.09 24.67 -5.13
C VAL A 200 -15.48 25.50 -6.27
N PRO A 201 -16.16 25.62 -7.43
CA PRO A 201 -15.51 26.34 -8.52
C PRO A 201 -15.09 27.75 -8.16
N HIS A 202 -15.99 28.50 -7.52
CA HIS A 202 -15.67 29.87 -7.11
C HIS A 202 -14.46 29.84 -6.18
N ILE A 203 -14.47 28.96 -5.20
CA ILE A 203 -13.35 28.84 -4.31
C ILE A 203 -12.07 28.48 -5.01
N ARG A 204 -12.13 27.47 -5.87
CA ARG A 204 -10.96 26.99 -6.54
C ARG A 204 -10.28 28.09 -7.35
N GLU A 205 -11.07 28.77 -8.14
CA GLU A 205 -10.55 29.79 -9.01
C GLU A 205 -9.80 30.83 -8.22
N ARG A 206 -10.35 31.27 -7.12
CA ARG A 206 -9.63 32.23 -6.29
C ARG A 206 -8.35 31.63 -5.74
N VAL A 207 -8.49 30.43 -5.18
CA VAL A 207 -7.38 29.72 -4.58
C VAL A 207 -6.21 29.61 -5.56
N ARG A 209 -5.67 31.50 -8.25
CA ARG A 209 -5.16 32.80 -8.66
C ARG A 209 -4.18 33.29 -7.60
N GLU A 210 -4.32 32.76 -6.38
CA GLU A 210 -3.43 33.11 -5.28
C GLU A 210 -2.25 32.14 -5.22
N GLY A 211 -2.15 31.26 -6.21
CA GLY A 211 -1.06 30.32 -6.33
C GLY A 211 -1.02 29.19 -5.30
N ARG A 212 -2.19 28.75 -4.84
CA ARG A 212 -2.30 27.68 -3.83
C ARG A 212 -3.13 26.52 -4.35
N HIS A 213 -3.00 25.35 -3.72
CA HIS A 213 -3.87 24.22 -4.01
C HIS A 213 -4.97 24.11 -2.98
N LEU A 214 -6.17 23.75 -3.43
CA LEU A 214 -7.30 23.54 -2.54
C LEU A 214 -7.10 22.25 -1.82
N CYS A 215 -7.47 22.25 -0.56
CA CYS A 215 -7.39 21.01 0.24
C CYS A 215 -8.67 20.88 1.08
N PHE A 216 -9.30 19.71 1.10
CA PHE A 216 -10.38 19.50 2.04
C PHE A 216 -9.85 18.64 3.17
N GLN A 217 -9.93 19.16 4.38
CA GLN A 217 -9.60 18.36 5.55
C GLN A 217 -10.87 17.76 6.13
N LEU A 218 -10.87 16.43 6.28
CA LEU A 218 -12.06 15.75 6.77
C LEU A 218 -12.28 16.04 8.25
N VAL A 219 -13.55 16.18 8.62
CA VAL A 219 -13.92 16.36 10.01
C VAL A 219 -13.82 15.00 10.65
N SER A 220 -12.80 14.85 11.50
CA SER A 220 -12.40 13.54 12.05
C SER A 220 -11.54 13.84 13.28
N PRO A 221 -11.66 13.04 14.34
CA PRO A 221 -10.92 13.41 15.56
C PRO A 221 -9.40 13.49 15.35
N LEU A 222 -8.77 14.41 16.05
CA LEU A 222 -7.33 14.56 16.00
C LEU A 222 -6.66 13.89 17.21
N GLY A 223 -5.35 13.68 17.13
CA GLY A 223 -4.58 13.28 18.29
C GLY A 223 -3.94 11.90 18.24
N VAL A 224 -4.42 11.04 17.36
CA VAL A 224 -3.85 9.72 17.15
C VAL A 224 -3.29 9.59 15.72
N ALA A 225 -2.04 9.16 15.62
CA ALA A 225 -1.38 8.99 14.33
C ALA A 225 -2.08 7.96 13.45
N ILE A 226 -2.20 8.30 12.16
CA ILE A 226 -2.64 7.35 11.16
C ILE A 226 -1.41 6.59 10.64
N SER A 227 -1.51 5.28 10.56
CA SER A 227 -0.38 4.47 10.17
C SER A 227 -0.54 3.80 8.81
N THR A 228 -1.75 3.70 8.27
CA THR A 228 -1.96 3.02 6.98
C THR A 228 -3.05 3.77 6.20
N LEU A 229 -3.02 3.71 4.87
CA LEU A 229 -3.99 4.48 4.08
C LEU A 229 -4.12 3.79 2.73
N SER A 230 -5.35 3.39 2.37
CA SER A 230 -5.55 2.68 1.09
CA SER A 230 -5.57 2.67 1.10
C SER A 230 -6.92 2.98 0.51
N TYR A 231 -6.95 3.31 -0.77
CA TYR A 231 -8.23 3.51 -1.43
C TYR A 231 -8.68 2.18 -2.01
N ILE A 232 -9.87 1.73 -1.64
CA ILE A 232 -10.35 0.42 -2.09
C ILE A 232 -11.27 0.72 -3.28
N ASN A 233 -10.80 0.49 -4.48
CA ASN A 233 -11.57 0.89 -5.67
C ASN A 233 -12.96 0.24 -5.73
N ARG A 234 -13.07 -1.03 -5.31
CA ARG A 234 -14.30 -1.78 -5.56
C ARG A 234 -15.42 -1.39 -4.58
N THR A 235 -15.06 -0.73 -3.47
CA THR A 235 -16.09 -0.30 -2.54
C THR A 235 -16.15 1.22 -2.43
N ASN A 236 -15.26 1.89 -3.16
CA ASN A 236 -15.18 3.35 -3.16
C ASN A 236 -14.92 3.87 -1.76
N GLN A 237 -14.12 3.13 -0.97
CA GLN A 237 -13.84 3.48 0.42
C GLN A 237 -12.37 3.81 0.61
N LEU A 238 -12.12 4.86 1.35
CA LEU A 238 -10.76 5.11 1.81
C LEU A 238 -10.57 4.42 3.14
N ALA A 239 -9.66 3.45 3.21
CA ALA A 239 -9.35 2.77 4.46
C ALA A 239 -8.25 3.53 5.22
N VAL A 240 -8.55 3.87 6.47
CA VAL A 240 -7.64 4.66 7.27
C VAL A 240 -7.33 3.83 8.52
N GLY A 241 -6.10 3.33 8.60
CA GLY A 241 -5.63 2.54 9.73
C GLY A 241 -4.85 3.40 10.75
N PHE A 242 -5.15 3.23 12.03
CA PHE A 242 -4.60 4.09 13.06
C PHE A 242 -3.57 3.40 13.90
N SER A 243 -2.72 4.20 14.53
CA SER A 243 -1.67 3.60 15.36
C SER A 243 -2.25 2.97 16.63
N ASP A 244 -3.50 3.30 16.96
CA ASP A 244 -4.13 2.67 18.11
C ASP A 244 -4.99 1.43 17.77
N GLY A 245 -4.88 0.89 16.56
CA GLY A 245 -5.60 -0.34 16.24
C GLY A 245 -6.99 -0.16 15.64
N TYR A 246 -7.43 1.09 15.56
CA TYR A 246 -8.68 1.38 14.90
C TYR A 246 -8.52 1.45 13.38
N LEU A 247 -9.61 1.12 12.73
CA LEU A 247 -9.73 1.19 11.28
C LEU A 247 -11.00 1.99 10.92
N ALA A 248 -10.83 3.04 10.10
CA ALA A 248 -11.97 3.80 9.60
C ALA A 248 -12.17 3.48 8.11
N LEU A 249 -13.43 3.38 7.67
CA LEU A 249 -13.73 3.31 6.22
C LEU A 249 -14.55 4.55 5.85
N TRP A 250 -14.05 5.33 4.89
CA TRP A 250 -14.70 6.59 4.49
C TRP A 250 -15.23 6.41 3.07
N ASN A 251 -16.50 6.67 2.87
CA ASN A 251 -17.12 6.54 1.55
C ASN A 251 -16.78 7.83 0.75
N LYS A 253 -17.95 8.80 -2.02
CA LYS A 253 -19.11 9.42 -2.69
C LYS A 253 -19.83 10.36 -1.73
N SER A 254 -20.09 9.88 -0.52
CA SER A 254 -20.83 10.65 0.49
C SER A 254 -19.88 11.48 1.37
N LYS A 256 -18.63 10.43 4.06
CA LYS A 256 -18.91 10.13 5.44
C LYS A 256 -18.14 8.90 5.92
N ARG A 257 -17.82 8.87 7.20
CA ARG A 257 -17.16 7.72 7.79
C ARG A 257 -18.22 6.63 8.01
N GLU A 258 -18.09 5.52 7.30
CA GLU A 258 -19.10 4.48 7.29
C GLU A 258 -18.85 3.42 8.36
N TYR A 259 -17.62 3.34 8.80
CA TYR A 259 -17.24 2.32 9.75
C TYR A 259 -16.04 2.82 10.55
N TYR A 260 -15.94 2.39 11.80
CA TYR A 260 -14.80 2.75 12.64
C TYR A 260 -14.72 1.84 13.87
N THR A 261 -13.82 0.88 13.89
CA THR A 261 -13.71 0.05 15.10
C THR A 261 -12.29 -0.44 15.33
N GLN A 262 -11.99 -0.76 16.59
CA GLN A 262 -10.69 -1.31 16.93
C GLN A 262 -10.59 -2.76 16.50
N LEU A 263 -9.49 -3.11 15.86
CA LEU A 263 -9.30 -4.47 15.42
C LEU A 263 -9.07 -5.33 16.67
N GLU A 264 -9.26 -6.63 16.53
CA GLU A 264 -9.23 -7.51 17.71
C GLU A 264 -7.86 -7.69 18.35
N GLY A 265 -6.81 -7.21 17.70
CA GLY A 265 -5.48 -7.22 18.29
C GLY A 265 -5.28 -6.12 19.30
N GLY A 266 -6.25 -5.23 19.45
CA GLY A 266 -6.17 -4.20 20.48
C GLY A 266 -5.41 -2.96 20.03
N ARG A 267 -4.72 -2.31 20.97
CA ARG A 267 -4.00 -1.08 20.65
C ARG A 267 -2.62 -1.36 20.04
N VAL A 268 -2.65 -1.79 18.80
CA VAL A 268 -1.47 -2.13 18.04
C VAL A 268 -1.69 -1.48 16.65
N PRO A 269 -0.68 -0.80 16.10
CA PRO A 269 -0.91 -0.08 14.83
C PRO A 269 -1.38 -0.94 13.66
N VAL A 270 -2.28 -0.38 12.86
CA VAL A 270 -2.69 -0.98 11.61
C VAL A 270 -1.60 -0.73 10.57
N HIS A 271 -1.01 -1.80 10.07
CA HIS A 271 0.22 -1.68 9.32
C HIS A 271 -0.01 -1.85 7.82
N ALA A 272 -1.05 -2.56 7.45
CA ALA A 272 -1.32 -2.80 6.02
C ALA A 272 -2.74 -3.30 5.87
N VAL A 273 -3.30 -3.12 4.68
CA VAL A 273 -4.59 -3.75 4.33
C VAL A 273 -4.52 -4.39 2.95
N ALA A 274 -5.49 -5.25 2.65
CA ALA A 274 -5.55 -5.93 1.35
C ALA A 274 -7.01 -6.30 1.12
N PHE A 275 -7.49 -6.11 -0.10
CA PHE A 275 -8.87 -6.34 -0.40
C PHE A 275 -9.05 -7.67 -1.13
N GLN A 276 -10.14 -8.39 -0.83
CA GLN A 276 -10.50 -9.61 -1.58
C GLN A 276 -11.98 -9.68 -1.84
N GLU A 277 -12.33 -10.25 -3.01
CA GLU A 277 -13.73 -10.50 -3.36
CA GLU A 277 -13.72 -10.53 -3.36
C GLU A 277 -13.92 -12.01 -3.60
N PRO A 278 -14.92 -12.62 -2.92
CA PRO A 278 -15.20 -14.05 -3.14
C PRO A 278 -15.88 -14.29 -4.49
N GLU A 279 -15.88 -15.54 -4.95
CA GLU A 279 -16.43 -15.85 -6.27
C GLU A 279 -17.96 -15.86 -6.24
N ASN A 280 -18.48 -16.44 -5.19
CA ASN A 280 -19.90 -16.67 -5.05
C ASN A 280 -20.22 -16.32 -3.63
N ASP A 281 -20.84 -15.17 -3.38
CA ASP A 281 -21.32 -14.92 -2.03
C ASP A 281 -22.75 -14.49 -2.11
N PRO A 282 -23.59 -14.90 -1.14
CA PRO A 282 -25.03 -14.72 -1.33
C PRO A 282 -25.54 -13.36 -0.85
N ARG A 283 -24.68 -12.53 -0.29
CA ARG A 283 -25.17 -11.25 0.20
C ARG A 283 -24.23 -10.07 -0.07
N ASN A 284 -23.57 -10.07 -1.24
CA ASN A 284 -22.63 -8.99 -1.60
C ASN A 284 -21.61 -8.71 -0.49
N CYS A 285 -20.93 -9.75 -0.04
CA CYS A 285 -19.84 -9.62 0.91
C CYS A 285 -18.56 -9.53 0.16
N CYS A 286 -17.70 -8.66 0.62
CA CYS A 286 -16.29 -8.75 0.22
C CYS A 286 -15.45 -8.59 1.49
N TYR A 287 -14.14 -8.45 1.32
CA TYR A 287 -13.26 -8.67 2.46
C TYR A 287 -12.14 -7.65 2.50
N LEU A 288 -11.80 -7.23 3.70
CA LEU A 288 -10.63 -6.42 3.81
C LEU A 288 -9.78 -7.05 4.89
N TRP A 289 -8.59 -7.53 4.52
CA TRP A 289 -7.61 -7.88 5.56
C TRP A 289 -6.99 -6.62 6.17
N ALA A 290 -6.71 -6.67 7.48
CA ALA A 290 -6.00 -5.61 8.12
C ALA A 290 -4.91 -6.24 8.97
N VAL A 291 -3.68 -5.75 8.81
CA VAL A 291 -2.55 -6.32 9.52
C VAL A 291 -2.20 -5.38 10.69
N GLN A 292 -2.09 -5.95 11.89
CA GLN A 292 -1.63 -5.19 13.04
C GLN A 292 -0.20 -5.62 13.34
N SER A 293 0.67 -4.66 13.58
CA SER A 293 2.06 -5.00 13.79
C SER A 293 2.75 -3.97 14.68
N THR A 294 3.64 -4.44 15.57
CA THR A 294 4.52 -3.56 16.36
C THR A 294 5.93 -3.50 15.79
N GLN A 295 6.05 -3.81 14.50
CA GLN A 295 7.37 -3.99 13.90
C GLN A 295 8.24 -2.75 13.88
N ASP A 296 7.61 -1.58 13.94
CA ASP A 296 8.36 -0.33 13.97
C ASP A 296 8.74 0.08 15.41
N SER A 297 8.23 -0.66 16.39
CA SER A 297 8.70 -0.51 17.78
C SER A 297 9.33 -1.81 18.30
N GLU A 298 8.60 -2.55 19.15
CA GLU A 298 9.11 -3.79 19.77
C GLU A 298 9.36 -4.99 18.83
N GLY A 299 8.51 -5.12 17.81
CA GLY A 299 8.61 -6.26 16.91
C GLY A 299 8.11 -7.57 17.50
N ASP A 300 7.17 -7.49 18.45
CA ASP A 300 6.67 -8.68 19.15
C ASP A 300 5.24 -9.07 18.77
N VAL A 301 4.60 -8.31 17.92
CA VAL A 301 3.19 -8.59 17.60
C VAL A 301 2.98 -8.46 16.11
N LEU A 302 2.38 -9.48 15.51
CA LEU A 302 2.07 -9.42 14.08
C LEU A 302 0.82 -10.30 13.93
N SER A 303 -0.31 -9.69 13.56
CA SER A 303 -1.56 -10.46 13.48
C SER A 303 -2.38 -10.05 12.25
N LEU A 304 -3.10 -11.02 11.67
CA LEU A 304 -3.91 -10.75 10.48
C LEU A 304 -5.39 -10.78 10.87
N HIS A 305 -6.15 -9.85 10.33
CA HIS A 305 -7.54 -9.71 10.75
C HIS A 305 -8.39 -9.60 9.49
N LEU A 306 -9.24 -10.59 9.26
CA LEU A 306 -10.09 -10.56 8.07
C LEU A 306 -11.46 -9.92 8.40
N LEU A 307 -11.76 -8.78 7.78
CA LEU A 307 -13.04 -8.10 8.01
C LEU A 307 -13.99 -8.45 6.87
N GLN A 308 -15.18 -8.91 7.22
CA GLN A 308 -16.18 -9.20 6.21
C GLN A 308 -17.09 -7.95 6.10
N LEU A 309 -17.20 -7.41 4.88
CA LEU A 309 -17.97 -6.19 4.65
C LEU A 309 -19.19 -6.63 3.87
N ALA A 310 -20.38 -6.44 4.45
CA ALA A 310 -21.61 -6.85 3.75
C ALA A 310 -22.30 -5.60 3.24
N PHE A 311 -22.61 -5.60 1.96
CA PHE A 311 -23.26 -4.44 1.35
C PHE A 311 -24.69 -4.74 0.87
N GLY A 312 -25.49 -3.71 0.77
CA GLY A 312 -26.86 -3.87 0.32
C GLY A 312 -27.03 -4.06 -1.16
N ASP A 313 -26.05 -3.65 -1.98
CA ASP A 313 -26.21 -3.75 -3.44
C ASP A 313 -24.86 -3.74 -4.19
N ARG A 314 -24.86 -4.10 -5.47
CA ARG A 314 -23.74 -3.85 -6.38
C ARG A 314 -24.23 -2.89 -7.45
N LYS A 315 -23.35 -2.01 -7.90
CA LYS A 315 -23.73 -1.02 -8.89
C LYS A 315 -22.78 -1.11 -10.08
N CYS A 316 -23.32 -1.28 -11.28
CA CYS A 316 -22.46 -1.15 -12.43
C CYS A 316 -22.42 0.33 -12.76
N LEU A 317 -21.23 0.90 -12.80
CA LEU A 317 -21.07 2.30 -13.15
C LEU A 317 -20.95 2.42 -14.64
N ALA A 318 -21.29 3.60 -15.16
CA ALA A 318 -21.10 3.94 -16.57
C ALA A 318 -19.71 3.56 -17.07
N SER A 319 -18.72 3.58 -16.17
CA SER A 319 -17.36 3.22 -16.50
C SER A 319 -17.17 1.73 -16.82
N GLY A 320 -18.13 0.90 -16.43
CA GLY A 320 -17.99 -0.53 -16.61
C GLY A 320 -17.53 -1.18 -15.32
N GLN A 321 -17.14 -0.36 -14.36
CA GLN A 321 -16.65 -0.89 -13.11
C GLN A 321 -17.83 -1.23 -12.18
N ILE A 322 -17.65 -2.28 -11.39
CA ILE A 322 -18.60 -2.67 -10.36
C ILE A 322 -18.21 -2.04 -9.04
N LEU A 323 -19.23 -1.62 -8.31
CA LEU A 323 -19.04 -0.98 -7.03
CA LEU A 323 -19.05 -0.98 -7.01
C LEU A 323 -19.98 -1.60 -6.00
N TYR A 324 -19.44 -2.02 -4.85
CA TYR A 324 -20.27 -2.39 -3.73
C TYR A 324 -20.86 -1.12 -3.13
N GLU A 325 -22.15 -1.11 -2.79
CA GLU A 325 -22.77 0.11 -2.27
C GLU A 325 -23.69 -0.16 -1.10
N GLY A 326 -23.61 0.70 -0.09
CA GLY A 326 -24.48 0.65 1.07
C GLY A 326 -24.00 -0.38 2.09
N LEU A 327 -23.03 0.01 2.92
CA LEU A 327 -22.41 -0.90 3.88
C LEU A 327 -23.42 -1.27 4.94
N GLU A 328 -23.71 -2.55 5.10
CA GLU A 328 -24.72 -2.97 6.08
C GLU A 328 -24.08 -3.48 7.39
N TYR A 329 -22.96 -4.16 7.25
CA TYR A 329 -22.17 -4.52 8.42
C TYR A 329 -20.72 -4.76 8.07
N CYS A 330 -19.87 -4.70 9.09
CA CYS A 330 -18.46 -4.98 8.94
C CYS A 330 -18.03 -5.66 10.22
N GLU A 331 -17.54 -6.89 10.09
CA GLU A 331 -17.21 -7.68 11.26
C GLU A 331 -16.03 -8.59 11.00
N GLU A 332 -15.17 -8.73 11.98
CA GLU A 332 -13.99 -9.60 11.90
C GLU A 332 -14.36 -11.10 11.87
N ARG A 333 -13.94 -11.86 10.86
CA ARG A 333 -14.40 -13.23 10.76
C ARG A 333 -13.25 -14.20 10.74
N TYR A 334 -12.02 -13.69 10.71
CA TYR A 334 -10.84 -14.53 10.90
C TYR A 334 -9.70 -13.75 11.54
N THR A 335 -8.91 -14.44 12.37
CA THR A 335 -7.80 -13.84 13.09
C THR A 335 -6.66 -14.84 13.08
N LEU A 336 -5.47 -14.41 12.72
CA LEU A 336 -4.31 -15.28 12.75
C LEU A 336 -3.17 -14.50 13.37
N ASP A 337 -2.63 -15.03 14.46
CA ASP A 337 -1.46 -14.43 15.10
C ASP A 337 -0.17 -15.03 14.54
N LEU A 338 0.60 -14.22 13.88
CA LEU A 338 1.94 -14.65 13.45
C LEU A 338 3.06 -14.46 14.50
N ALA A 339 2.85 -13.51 15.42
CA ALA A 339 3.76 -13.25 16.55
C ALA A 339 2.94 -12.57 17.65
N GLY A 340 3.22 -12.95 18.90
CA GLY A 340 2.50 -12.43 20.05
C GLY A 340 1.09 -13.01 20.14
N THR A 349 13.82 -14.62 22.83
CA THR A 349 12.92 -13.67 22.20
C THR A 349 13.03 -13.70 20.68
N SER A 350 12.09 -13.03 20.03
CA SER A 350 12.04 -13.02 18.59
C SER A 350 11.76 -11.63 18.11
N ASN A 351 11.99 -11.41 16.81
CA ASN A 351 11.59 -10.18 16.19
C ASN A 351 10.92 -10.54 14.88
N THR A 352 9.68 -10.10 14.71
CA THR A 352 8.85 -10.46 13.55
C THR A 352 8.37 -9.19 12.84
N LYS A 353 8.41 -9.18 11.51
CA LYS A 353 7.99 -8.01 10.76
C LYS A 353 7.31 -8.42 9.47
N LEU A 354 6.28 -7.68 9.11
CA LEU A 354 5.59 -7.96 7.85
C LEU A 354 6.49 -7.44 6.73
N LEU A 355 6.73 -8.23 5.70
CA LEU A 355 7.47 -7.70 4.54
C LEU A 355 6.50 -7.16 3.48
N GLY A 356 5.43 -7.90 3.23
CA GLY A 356 4.50 -7.54 2.16
C GLY A 356 3.16 -8.17 2.34
N CYS A 357 2.19 -7.62 1.63
CA CYS A 357 0.81 -8.01 1.78
C CYS A 357 0.21 -7.68 0.41
N GLN A 358 -0.22 -8.69 -0.35
CA GLN A 358 -0.53 -8.48 -1.77
C GLN A 358 -1.75 -9.33 -2.14
N SER A 359 -2.74 -8.74 -2.81
CA SER A 359 -3.91 -9.50 -3.22
C SER A 359 -3.78 -9.73 -4.70
N ILE A 360 -4.14 -10.92 -5.15
CA ILE A 360 -4.11 -11.34 -6.54
C ILE A 360 -5.48 -11.92 -6.91
N GLU A 361 -6.10 -11.35 -7.92
CA GLU A 361 -7.41 -11.85 -8.32
C GLU A 361 -7.45 -12.06 -9.81
N ARG A 362 -8.09 -13.14 -10.26
CA ARG A 362 -8.28 -13.41 -11.68
C ARG A 362 -9.78 -13.45 -12.00
N PHE A 363 -10.19 -12.72 -13.03
CA PHE A 363 -11.61 -12.71 -13.46
C PHE A 363 -11.79 -13.64 -14.65
N PRO A 364 -12.96 -14.29 -14.76
CA PRO A 364 -13.20 -15.17 -15.91
C PRO A 364 -13.35 -14.44 -17.25
N LEU A 377 -18.42 -8.76 -12.94
CA LEU A 377 -18.80 -9.82 -12.02
C LEU A 377 -17.62 -10.09 -11.10
N SER A 378 -17.53 -11.28 -10.53
CA SER A 378 -16.58 -11.53 -9.44
C SER A 378 -15.36 -12.27 -9.96
N PRO A 379 -14.24 -12.17 -9.25
CA PRO A 379 -13.12 -12.99 -9.70
C PRO A 379 -13.38 -14.50 -9.45
N ASP A 380 -12.87 -15.38 -10.31
CA ASP A 380 -12.96 -16.80 -9.99
C ASP A 380 -11.76 -17.28 -9.16
N THR A 381 -10.75 -16.43 -9.05
CA THR A 381 -9.60 -16.75 -8.21
C THR A 381 -9.27 -15.52 -7.41
N SER A 382 -9.12 -15.68 -6.10
CA SER A 382 -8.76 -14.56 -5.25
C SER A 382 -7.92 -15.04 -4.07
N VAL A 383 -6.67 -14.59 -4.02
CA VAL A 383 -5.77 -14.95 -2.92
C VAL A 383 -5.08 -13.72 -2.39
N SER A 384 -4.71 -13.76 -1.14
CA SER A 384 -3.89 -12.71 -0.54
CA SER A 384 -3.89 -12.70 -0.57
C SER A 384 -2.57 -13.36 -0.16
N VAL A 385 -1.46 -12.67 -0.41
CA VAL A 385 -0.18 -13.23 -0.09
C VAL A 385 0.45 -12.41 1.02
N PHE A 386 0.80 -13.06 2.13
CA PHE A 386 1.44 -12.34 3.22
C PHE A 386 2.86 -12.88 3.34
N THR A 387 3.83 -11.98 3.38
CA THR A 387 5.23 -12.38 3.50
CA THR A 387 5.22 -12.43 3.53
C THR A 387 5.76 -11.77 4.79
N TRP A 388 6.43 -12.55 5.63
CA TRP A 388 6.95 -12.01 6.89
C TRP A 388 8.27 -12.65 7.24
N GLN A 389 9.01 -11.97 8.12
CA GLN A 389 10.34 -12.44 8.52
C GLN A 389 10.38 -12.57 10.03
N VAL A 390 11.01 -13.63 10.53
CA VAL A 390 11.14 -13.86 11.96
C VAL A 390 12.63 -13.99 12.28
N ASN A 391 13.10 -13.11 13.16
CA ASN A 391 14.47 -13.15 13.65
C ASN A 391 14.50 -13.58 15.09
N ILE A 392 15.17 -14.68 15.36
CA ILE A 392 15.35 -15.05 16.75
C ILE A 392 16.67 -14.44 17.27
N TYR A 393 16.62 -13.79 18.44
CA TYR A 393 17.84 -13.23 19.04
C TYR A 393 18.80 -14.39 19.26
N GLY A 394 20.07 -14.15 18.99
CA GLY A 394 21.05 -15.22 19.07
C GLY A 394 20.90 -16.20 17.92
N GLN A 395 20.33 -15.71 16.83
CA GLN A 395 20.20 -16.49 15.61
C GLN A 395 20.42 -15.59 14.41
N GLY A 396 21.57 -15.75 13.76
CA GLY A 396 21.97 -14.91 12.65
C GLY A 396 21.00 -14.86 11.48
N LYS A 397 20.57 -16.00 10.97
CA LYS A 397 19.73 -16.01 9.75
C LYS A 397 18.24 -16.06 10.05
N PRO A 398 17.52 -15.05 9.58
CA PRO A 398 16.06 -14.98 9.79
C PRO A 398 15.35 -16.05 9.00
N SER A 399 14.15 -16.42 9.45
CA SER A 399 13.28 -17.25 8.62
C SER A 399 12.32 -16.34 7.92
N VAL A 400 12.07 -16.63 6.65
CA VAL A 400 11.13 -15.84 5.89
C VAL A 400 10.04 -16.73 5.33
N TYR A 401 8.79 -16.29 5.53
CA TYR A 401 7.61 -17.05 5.17
C TYR A 401 6.75 -16.28 4.17
N LEU A 402 6.17 -17.03 3.24
CA LEU A 402 5.19 -16.51 2.30
C LEU A 402 3.95 -17.36 2.52
N GLY A 403 2.83 -16.75 2.89
CA GLY A 403 1.61 -17.49 3.14
C GLY A 403 0.51 -17.03 2.20
N LEU A 404 -0.19 -18.00 1.60
CA LEU A 404 -1.16 -17.67 0.56
C LEU A 404 -2.55 -18.07 1.07
N PHE A 405 -3.43 -17.10 1.22
CA PHE A 405 -4.78 -17.32 1.75
C PHE A 405 -5.77 -17.32 0.57
N ASP A 406 -6.53 -18.39 0.39
CA ASP A 406 -7.51 -18.47 -0.69
C ASP A 406 -8.93 -18.24 -0.14
N ILE A 407 -9.50 -17.08 -0.43
CA ILE A 407 -10.81 -16.72 0.15
C ILE A 407 -11.90 -17.74 -0.21
N ASN A 408 -11.82 -18.29 -1.41
CA ASN A 408 -12.84 -19.25 -1.82
C ASN A 408 -12.70 -20.62 -1.15
N ARG A 409 -11.46 -21.01 -0.87
CA ARG A 409 -11.23 -22.24 -0.10
C ARG A 409 -11.60 -22.02 1.37
N TRP A 410 -11.44 -20.78 1.85
CA TRP A 410 -11.92 -20.43 3.18
C TRP A 410 -13.45 -20.57 3.27
N TYR A 411 -14.16 -20.10 2.25
CA TYR A 411 -15.59 -20.50 2.05
C TYR A 411 -15.83 -22.00 2.08
N HIS A 412 -15.10 -22.73 1.25
CA HIS A 412 -15.18 -24.18 1.20
C HIS A 412 -14.94 -24.83 2.58
N ALA A 413 -14.04 -24.23 3.36
CA ALA A 413 -13.74 -24.75 4.71
C ALA A 413 -14.78 -24.36 5.77
N GLN A 414 -15.85 -23.70 5.31
CA GLN A 414 -16.95 -23.27 6.17
C GLN A 414 -16.57 -22.10 7.10
N PRO A 416 -14.04 -20.88 9.01
CA PRO A 416 -13.61 -20.99 10.42
C PRO A 416 -13.09 -19.60 10.87
N ASP A 417 -13.21 -19.24 12.13
CA ASP A 417 -12.77 -17.92 12.57
C ASP A 417 -11.31 -17.85 13.05
N SER A 418 -10.62 -18.98 13.02
CA SER A 418 -9.22 -19.07 13.44
C SER A 418 -8.70 -20.47 13.09
N LEU A 419 -7.40 -20.70 13.24
CA LEU A 419 -6.85 -22.03 13.15
C LEU A 419 -7.46 -22.84 14.26
N ARG A 420 -7.83 -24.09 13.98
CA ARG A 420 -8.34 -24.96 15.04
C ARG A 420 -7.20 -25.45 15.91
N SER A 421 -7.55 -26.01 17.06
CA SER A 421 -6.55 -26.67 17.89
C SER A 421 -5.84 -27.79 17.12
N GLY A 422 -4.52 -27.79 17.16
CA GLY A 422 -3.75 -28.78 16.43
C GLY A 422 -3.41 -28.33 15.02
N GLU A 423 -4.36 -27.63 14.38
CA GLU A 423 -4.21 -27.18 13.00
C GLU A 423 -3.02 -26.24 12.85
N SER A 424 -2.33 -26.36 11.72
CA SER A 424 -1.13 -25.59 11.47
C SER A 424 -1.16 -24.97 10.08
N LEU A 425 -0.48 -23.84 9.90
CA LEU A 425 -0.42 -23.21 8.58
C LEU A 425 0.19 -24.15 7.53
N HIS A 426 1.04 -25.07 8.00
CA HIS A 426 1.73 -26.02 7.15
C HIS A 426 0.77 -27.01 6.55
N ASN A 427 -0.38 -27.15 7.19
CA ASN A 427 -1.35 -28.17 6.82
C ASN A 427 -2.76 -27.64 6.99
N CYS A 428 -3.06 -26.59 6.22
CA CYS A 428 -4.33 -25.88 6.26
C CYS A 428 -4.95 -25.84 4.86
N SER A 429 -6.21 -26.26 4.75
CA SER A 429 -6.88 -26.32 3.46
C SER A 429 -7.10 -25.00 2.71
N TYR A 430 -6.96 -23.86 3.38
CA TYR A 430 -7.25 -22.59 2.70
C TYR A 430 -6.04 -21.66 2.79
N PHE A 431 -4.93 -22.19 3.31
CA PHE A 431 -3.73 -21.42 3.47
C PHE A 431 -2.53 -22.27 3.02
N ALA A 432 -1.66 -21.72 2.20
CA ALA A 432 -0.44 -22.44 1.85
C ALA A 432 0.73 -21.70 2.46
N LEU A 433 1.65 -22.44 3.05
CA LEU A 433 2.81 -21.81 3.68
C LEU A 433 4.11 -22.21 2.97
N TRP A 434 4.85 -21.23 2.49
CA TRP A 434 6.12 -21.44 1.78
C TRP A 434 7.27 -20.88 2.58
N SER A 435 8.37 -21.63 2.59
CA SER A 435 9.60 -21.16 3.23
C SER A 435 10.48 -20.52 2.20
N LEU A 436 10.96 -19.32 2.51
CA LEU A 436 11.85 -18.62 1.60
C LEU A 436 13.29 -18.71 2.06
N ASP A 437 13.57 -19.74 2.85
CA ASP A 437 14.88 -19.87 3.46
C ASP A 437 16.01 -20.14 2.47
N SER A 438 15.69 -20.69 1.31
CA SER A 438 16.72 -20.87 0.29
C SER A 438 17.17 -19.49 -0.20
N VAL A 439 16.20 -18.58 -0.33
CA VAL A 439 16.51 -17.18 -0.66
C VAL A 439 17.44 -16.54 0.38
N VAL A 440 17.12 -16.72 1.65
CA VAL A 440 17.93 -16.19 2.73
C VAL A 440 19.38 -16.71 2.67
N SER A 441 19.52 -18.02 2.48
CA SER A 441 20.84 -18.64 2.42
C SER A 441 21.65 -18.08 1.27
N ARG A 442 20.98 -17.97 0.14
CA ARG A 442 21.58 -17.52 -1.11
C ARG A 442 22.00 -16.05 -1.07
N THR A 443 21.28 -15.24 -0.32
CA THR A 443 21.48 -13.79 -0.38
C THR A 443 22.16 -13.16 0.85
N SER A 444 22.36 -13.94 1.90
CA SER A 444 22.98 -13.42 3.14
C SER A 444 24.29 -12.70 2.85
N PRO A 445 24.54 -11.56 3.50
CA PRO A 445 23.74 -10.91 4.55
C PRO A 445 22.86 -9.80 4.01
N HIS A 446 22.54 -9.85 2.72
CA HIS A 446 21.62 -8.86 2.20
C HIS A 446 20.21 -9.01 2.80
N HIS A 447 19.53 -7.88 2.99
CA HIS A 447 18.21 -7.88 3.62
C HIS A 447 17.13 -7.88 2.56
N ILE A 448 16.10 -8.69 2.77
CA ILE A 448 14.91 -8.63 1.94
C ILE A 448 14.07 -7.41 2.33
N LEU A 449 13.75 -6.58 1.35
CA LEU A 449 13.00 -5.36 1.63
C LEU A 449 11.52 -5.52 1.27
N ASP A 450 11.23 -6.32 0.23
CA ASP A 450 9.87 -6.51 -0.25
C ASP A 450 9.84 -7.74 -1.14
N ILE A 451 8.65 -8.29 -1.36
CA ILE A 451 8.47 -9.47 -2.19
C ILE A 451 7.24 -9.25 -3.07
N LEU A 452 7.41 -9.51 -4.37
CA LEU A 452 6.28 -9.34 -5.27
C LEU A 452 5.98 -10.66 -5.96
N VAL A 453 4.73 -11.13 -5.83
CA VAL A 453 4.32 -12.29 -6.59
C VAL A 453 3.83 -11.81 -7.96
N HIS A 454 4.17 -12.54 -9.01
CA HIS A 454 3.77 -12.18 -10.37
C HIS A 454 2.43 -12.79 -10.69
N GLU A 455 1.41 -11.95 -10.69
CA GLU A 455 0.04 -12.33 -10.94
C GLU A 455 -0.11 -13.26 -12.12
N ARG A 456 0.57 -12.94 -13.23
CA ARG A 456 0.35 -13.71 -14.46
CA ARG A 456 0.43 -13.69 -14.48
C ARG A 456 0.83 -15.16 -14.31
N SER A 457 1.64 -15.42 -13.29
CA SER A 457 2.24 -16.73 -13.12
C SER A 457 1.39 -17.64 -12.25
N LEU A 458 0.40 -17.07 -11.57
CA LEU A 458 -0.36 -17.87 -10.62
C LEU A 458 -1.14 -18.97 -11.35
N ASN A 459 -0.82 -20.23 -11.04
CA ASN A 459 -1.38 -21.36 -11.75
C ASN A 459 -1.57 -22.59 -10.86
N ARG A 460 -2.68 -23.29 -11.06
CA ARG A 460 -2.97 -24.50 -10.32
C ARG A 460 -1.99 -25.62 -10.64
N PRO A 469 -10.22 -34.77 -7.05
CA PRO A 469 -10.29 -34.92 -5.58
C PRO A 469 -10.17 -33.58 -4.85
N GLU A 470 -11.22 -33.21 -4.12
CA GLU A 470 -11.37 -31.86 -3.58
C GLU A 470 -10.14 -31.26 -2.89
N GLN A 471 -9.37 -32.10 -2.20
CA GLN A 471 -8.13 -31.68 -1.53
C GLN A 471 -7.18 -30.99 -2.50
N PHE A 472 -7.23 -31.41 -3.76
CA PHE A 472 -6.39 -30.85 -4.83
C PHE A 472 -6.53 -29.34 -5.03
N PHE A 473 -7.68 -28.77 -4.68
CA PHE A 473 -7.89 -27.34 -4.91
C PHE A 473 -7.51 -26.54 -3.68
N ASN A 474 -6.77 -27.18 -2.80
CA ASN A 474 -6.14 -26.46 -1.71
C ASN A 474 -5.04 -25.58 -2.33
N PRO A 475 -4.76 -24.44 -1.71
CA PRO A 475 -3.82 -23.51 -2.38
C PRO A 475 -2.37 -24.00 -2.39
N SER A 476 -2.08 -25.13 -1.76
CA SER A 476 -0.74 -25.70 -1.71
C SER A 476 -0.35 -26.14 -3.09
N THR A 477 -1.36 -26.40 -3.91
CA THR A 477 -1.12 -26.83 -5.29
C THR A 477 -0.92 -25.66 -6.26
N PHE A 478 -1.13 -24.43 -5.79
CA PHE A 478 -0.82 -23.25 -6.60
C PHE A 478 0.68 -23.17 -6.85
N ASN A 479 1.07 -22.95 -8.11
CA ASN A 479 2.41 -22.55 -8.50
C ASN A 479 2.44 -21.07 -8.82
N PHE A 480 3.58 -20.42 -8.59
CA PHE A 480 3.72 -19.02 -8.93
C PHE A 480 5.18 -18.59 -8.89
N ASP A 481 5.50 -17.47 -9.53
CA ASP A 481 6.84 -16.93 -9.50
C ASP A 481 6.76 -15.67 -8.72
N ALA A 482 7.91 -15.26 -8.18
CA ALA A 482 7.98 -14.06 -7.37
C ALA A 482 9.36 -13.44 -7.50
N THR A 483 9.50 -12.22 -7.00
CA THR A 483 10.77 -11.53 -7.00
C THR A 483 10.98 -10.91 -5.64
N CYS A 484 12.15 -11.13 -5.07
CA CYS A 484 12.47 -10.45 -3.84
C CYS A 484 13.32 -9.22 -4.12
N LEU A 485 12.93 -8.10 -3.53
CA LEU A 485 13.71 -6.89 -3.52
C LEU A 485 14.65 -6.89 -2.32
N LEU A 486 15.95 -6.82 -2.58
CA LEU A 486 16.95 -6.77 -1.52
C LEU A 486 17.55 -5.38 -1.46
N ASP A 487 18.33 -5.14 -0.42
CA ASP A 487 19.01 -3.88 -0.29
C ASP A 487 20.08 -3.67 -1.38
N SER A 488 20.44 -4.72 -2.12
CA SER A 488 21.50 -4.57 -3.10
C SER A 488 21.13 -5.09 -4.48
N GLY A 489 19.88 -5.50 -4.68
CA GLY A 489 19.48 -6.03 -5.96
C GLY A 489 18.14 -6.74 -5.92
N VAL A 490 17.85 -7.52 -6.96
CA VAL A 490 16.65 -8.34 -6.99
C VAL A 490 17.04 -9.80 -7.24
N ILE A 491 16.17 -10.72 -6.84
CA ILE A 491 16.38 -12.13 -7.10
C ILE A 491 15.02 -12.83 -7.30
N HIS A 492 14.97 -13.73 -8.28
CA HIS A 492 13.72 -14.38 -8.66
C HIS A 492 13.59 -15.76 -8.03
N VAL A 493 12.36 -16.11 -7.67
CA VAL A 493 12.06 -17.42 -7.13
C VAL A 493 10.84 -17.99 -7.81
N THR A 494 10.76 -19.33 -7.80
CA THR A 494 9.53 -20.04 -8.14
C THR A 494 9.08 -20.92 -6.97
N CYS A 495 7.77 -20.88 -6.70
CA CYS A 495 7.19 -21.76 -5.70
C CYS A 495 6.40 -22.82 -6.43
N ALA A 496 6.89 -24.06 -6.39
CA ALA A 496 6.17 -25.20 -7.00
C ALA A 496 6.46 -26.50 -6.26
#